data_6DER
#
_entry.id   6DER
#
_cell.length_a   173.806
_cell.length_b   173.806
_cell.length_c   176.598
_cell.angle_alpha   90.00
_cell.angle_beta   90.00
_cell.angle_gamma   120.00
#
_symmetry.space_group_name_H-M   'P 62 2 2'
#
loop_
_entity.id
_entity.type
_entity.pdbx_description
1 polymer 'Acetolactate synthase'
2 non-polymer 'FLAVIN-ADENINE DINUCLEOTIDE'
3 non-polymer 'POTASSIUM ION'
4 non-polymer 'MAGNESIUM ION'
5 non-polymer Metosulam
6 non-polymer '2-{3-[(4-AMINO-2-METHYLPYRIMIDIN-5-YL)METHYL]-4-METHYL-2-OXO-2,3-DIHYDRO-1,3-THIAZOL-5-YL}ETHYL TRIHYDROGEN DIPHOSPHATE'
7 non-polymer '(3Z)-4-{[(4-AMINO-2-METHYLPYRIMIDIN-5-YL)METHYL]AMINO}-3-MERCAPTOPENT-3-EN-1-YL TRIHYDROGEN DIPHOSPHATE'
8 water water
#
_entity_poly.entity_id   1
_entity_poly.type   'polypeptide(L)'
_entity_poly.pdbx_seq_one_letter_code
;MHHHHHHSSGLVPRGSGMKETAAAKFERQHMDSPDLGTDDDDKAMAFNTADTSTQPIINDPTLNKHQSSAISRKKKEQLM
DDSFIGLTGGEIFHEMMLRHKVDTVFGYAGGAILPVFDAIYNSDKFKFVLPRHEQGAGHMAEGYARASGKPGVVLVTSGP
GATNVITPMADALMDGVPLVVFSGQVPTTAIGTDAFQEADIVGISRSCTKWNVMVKNVAELPRRINEAFEIATTGRPGPV
LVDLPKDVTASILRESIPINTTLPSNALSQITKKAVSEFTSEAIKRAANILNKAKKPIIYAGAGILNNEQGPKLLKELAD
KANIPVTTTLQGLGAFDQRDPKSLDMLGMHGSAAANTAIQNADCIIALGARFDDRVTGNISKFAPEAKLAASEGRGGILH
FEISPKNINKVVEATEAIEGDVTANLQSFIPLVDSIENRPEWFNKINEWKKKYPYSYQLETPGSLIKPQTLIKEISDQAQ
TYNKEVIVTTGVGQHQMWAAQHFTWTQPRTMITSGGLGTMGYGLPAAIGAQVAKPDAIVIDIDGDASFNMTLTELSSAVQ
AGAPIKVCVLNNEEQGMVTQWQSLFYEHRYSHTHQSNPDFMKLAESMNVKGIRITNQQELKSGVKEFLDATEPVLLEVIV
EKKVPVLPMVPAGKALDDFILWDAEVEKQQNDLRKERTGGKY
;
_entity_poly.pdbx_strand_id   A
#
# COMPACT_ATOMS: atom_id res chain seq x y z
N LYS A 74 -14.31 -19.96 44.21
CA LYS A 74 -12.91 -19.85 44.59
C LYS A 74 -12.06 -19.38 43.42
N LYS A 75 -11.61 -20.33 42.60
CA LYS A 75 -10.83 -20.02 41.40
C LYS A 75 -11.71 -19.37 40.34
N LYS A 76 -13.02 -19.51 40.50
CA LYS A 76 -13.98 -18.90 39.60
C LYS A 76 -13.87 -17.38 39.66
N GLU A 77 -13.62 -16.85 40.85
CA GLU A 77 -13.45 -15.41 41.02
C GLU A 77 -12.14 -14.96 40.36
N GLN A 78 -11.19 -15.88 40.23
CA GLN A 78 -9.90 -15.56 39.65
C GLN A 78 -9.96 -15.55 38.12
N LEU A 79 -10.95 -16.26 37.56
CA LEU A 79 -11.09 -16.36 36.11
C LEU A 79 -12.14 -15.39 35.57
N MET A 80 -12.95 -14.83 36.47
CA MET A 80 -13.95 -13.84 36.08
C MET A 80 -13.50 -12.44 36.51
N ASP A 81 -13.92 -11.44 35.76
CA ASP A 81 -13.56 -10.07 36.04
C ASP A 81 -14.80 -9.19 36.15
N ASP A 82 -14.85 -8.35 37.18
CA ASP A 82 -16.00 -7.49 37.37
C ASP A 82 -15.62 -6.01 37.24
N SER A 83 -14.39 -5.75 36.82
CA SER A 83 -13.88 -4.39 36.75
C SER A 83 -14.60 -3.54 35.70
N PHE A 84 -15.28 -4.17 34.75
CA PHE A 84 -16.00 -3.41 33.73
C PHE A 84 -17.47 -3.21 34.10
N ILE A 85 -17.92 -3.85 35.18
CA ILE A 85 -19.31 -3.71 35.62
C ILE A 85 -19.60 -2.25 35.97
N GLY A 86 -20.70 -1.73 35.45
CA GLY A 86 -21.08 -0.34 35.69
C GLY A 86 -20.71 0.56 34.53
N LEU A 87 -19.84 0.08 33.65
CA LEU A 87 -19.44 0.85 32.46
C LEU A 87 -20.43 0.66 31.32
N THR A 88 -20.60 1.68 30.50
CA THR A 88 -21.37 1.52 29.26
C THR A 88 -20.52 0.79 28.24
N GLY A 89 -21.16 0.27 27.21
CA GLY A 89 -20.44 -0.31 26.09
C GLY A 89 -19.43 0.66 25.52
N GLY A 90 -19.82 1.93 25.42
CA GLY A 90 -18.91 2.95 24.92
C GLY A 90 -17.66 3.09 25.78
N GLU A 91 -17.85 3.11 27.10
CA GLU A 91 -16.73 3.21 28.03
C GLU A 91 -15.84 1.98 27.97
N ILE A 92 -16.46 0.82 27.76
CA ILE A 92 -15.72 -0.42 27.61
C ILE A 92 -14.89 -0.38 26.33
N PHE A 93 -15.49 0.13 25.25
CA PHE A 93 -14.78 0.32 24.00
C PHE A 93 -13.53 1.15 24.24
N HIS A 94 -13.71 2.28 24.93
CA HIS A 94 -12.62 3.19 25.24
C HIS A 94 -11.48 2.47 25.96
N GLU A 95 -11.84 1.75 27.01
CA GLU A 95 -10.85 1.02 27.80
C GLU A 95 -10.11 -0.04 26.97
N MET A 96 -10.84 -0.72 26.09
CA MET A 96 -10.22 -1.74 25.26
C MET A 96 -9.28 -1.14 24.21
N MET A 97 -9.58 0.08 23.74
CA MET A 97 -8.65 0.75 22.83
C MET A 97 -7.32 0.97 23.53
N LEU A 98 -7.39 1.38 24.79
CA LEU A 98 -6.20 1.62 25.60
CA LEU A 98 -6.20 1.61 25.61
C LEU A 98 -5.40 0.33 25.74
N ARG A 99 -6.09 -0.75 26.08
CA ARG A 99 -5.42 -2.03 26.28
C ARG A 99 -4.84 -2.58 25.00
N HIS A 100 -5.36 -2.15 23.85
CA HIS A 100 -4.79 -2.59 22.60
C HIS A 100 -3.75 -1.60 22.08
N LYS A 101 -3.37 -0.66 22.96
CA LYS A 101 -2.33 0.32 22.66
C LYS A 101 -2.67 1.14 21.41
N VAL A 102 -3.96 1.38 21.22
CA VAL A 102 -4.39 2.27 20.15
C VAL A 102 -4.05 3.69 20.53
N ASP A 103 -3.26 4.38 19.70
CA ASP A 103 -2.90 5.76 20.02
C ASP A 103 -3.55 6.74 19.06
N THR A 104 -4.24 6.21 18.05
CA THR A 104 -4.89 7.04 17.06
C THR A 104 -6.17 6.40 16.56
N VAL A 105 -7.23 7.20 16.48
CA VAL A 105 -8.49 6.75 15.93
C VAL A 105 -8.93 7.72 14.84
N PHE A 106 -9.38 7.18 13.71
CA PHE A 106 -9.88 7.98 12.60
C PHE A 106 -11.38 7.76 12.51
N GLY A 107 -12.16 8.82 12.57
CA GLY A 107 -13.59 8.62 12.57
C GLY A 107 -14.46 9.84 12.40
N TYR A 108 -15.76 9.60 12.40
CA TYR A 108 -16.74 10.62 12.11
C TYR A 108 -18.02 10.24 12.85
N ALA A 109 -18.62 11.19 13.56
CA ALA A 109 -19.74 10.90 14.44
C ALA A 109 -21.07 10.71 13.70
N GLY A 110 -22.08 10.28 14.47
CA GLY A 110 -23.42 10.11 13.95
C GLY A 110 -24.28 9.49 15.05
N GLY A 111 -25.59 9.53 14.88
CA GLY A 111 -26.52 9.07 15.89
C GLY A 111 -26.26 7.71 16.50
N ALA A 112 -26.05 6.69 15.66
CA ALA A 112 -25.90 5.33 16.12
C ALA A 112 -24.62 5.09 16.95
N ILE A 113 -23.61 5.93 16.75
CA ILE A 113 -22.31 5.71 17.37
C ILE A 113 -22.05 6.75 18.48
N LEU A 114 -23.03 7.59 18.76
CA LEU A 114 -22.90 8.60 19.82
C LEU A 114 -22.52 8.07 21.21
N PRO A 115 -23.06 6.91 21.62
CA PRO A 115 -22.63 6.42 22.94
C PRO A 115 -21.12 6.17 23.03
N VAL A 116 -20.52 5.81 21.91
CA VAL A 116 -19.07 5.60 21.89
C VAL A 116 -18.37 6.95 21.85
N PHE A 117 -18.88 7.87 21.02
CA PHE A 117 -18.27 9.20 20.95
C PHE A 117 -18.36 9.91 22.28
N ASP A 118 -19.43 9.68 23.03
CA ASP A 118 -19.53 10.31 24.35
C ASP A 118 -18.45 9.77 25.29
N ALA A 119 -18.19 8.47 25.18
CA ALA A 119 -17.22 7.81 26.04
C ALA A 119 -15.79 8.27 25.75
N ILE A 120 -15.49 8.55 24.49
CA ILE A 120 -14.13 8.95 24.13
C ILE A 120 -13.99 10.47 24.11
N TYR A 121 -15.02 11.17 24.59
CA TYR A 121 -15.00 12.63 24.63
C TYR A 121 -13.80 13.18 25.39
N ASN A 122 -13.03 14.02 24.73
CA ASN A 122 -11.81 14.61 25.30
C ASN A 122 -10.87 13.58 25.92
N SER A 123 -10.81 12.40 25.32
CA SER A 123 -9.87 11.38 25.80
C SER A 123 -8.44 11.86 25.57
N ASP A 124 -7.59 11.70 26.58
CA ASP A 124 -6.18 12.01 26.43
C ASP A 124 -5.37 10.74 26.14
N LYS A 125 -6.08 9.64 25.88
CA LYS A 125 -5.46 8.33 25.72
C LYS A 125 -5.11 8.02 24.27
N PHE A 126 -5.73 8.72 23.34
CA PHE A 126 -5.35 8.61 21.94
C PHE A 126 -5.71 9.87 21.20
N LYS A 127 -5.09 10.06 20.04
CA LYS A 127 -5.39 11.18 19.16
C LYS A 127 -6.58 10.79 18.29
N PHE A 128 -7.56 11.68 18.20
CA PHE A 128 -8.67 11.43 17.28
C PHE A 128 -8.47 12.29 16.04
N VAL A 129 -8.65 11.68 14.87
CA VAL A 129 -8.48 12.40 13.62
C VAL A 129 -9.80 12.42 12.86
N LEU A 130 -10.27 13.64 12.59
CA LEU A 130 -11.56 13.85 11.93
C LEU A 130 -11.35 14.17 10.47
N PRO A 131 -11.86 13.31 9.58
CA PRO A 131 -11.78 13.60 8.15
C PRO A 131 -12.95 14.49 7.74
N ARG A 132 -13.18 14.63 6.44
N ARG A 132 -13.17 14.64 6.45
CA ARG A 132 -14.37 15.32 5.95
CA ARG A 132 -14.37 15.32 5.95
C ARG A 132 -15.35 14.31 5.38
C ARG A 132 -15.36 14.29 5.43
N HIS A 133 -14.86 13.07 5.20
CA HIS A 133 -15.64 11.99 4.60
C HIS A 133 -15.12 10.68 5.20
N GLU A 134 -16.00 9.70 5.44
CA GLU A 134 -15.56 8.46 6.07
C GLU A 134 -14.59 7.67 5.20
N GLN A 135 -14.66 7.85 3.88
CA GLN A 135 -13.66 7.25 3.01
C GLN A 135 -12.28 7.79 3.38
N GLY A 136 -12.23 9.08 3.68
CA GLY A 136 -11.02 9.71 4.17
C GLY A 136 -10.52 9.01 5.42
N ALA A 137 -11.41 8.78 6.40
CA ALA A 137 -11.03 8.08 7.63
C ALA A 137 -10.40 6.71 7.31
N GLY A 138 -11.08 5.97 6.44
CA GLY A 138 -10.61 4.66 6.03
C GLY A 138 -9.22 4.69 5.42
N HIS A 139 -9.00 5.57 4.43
CA HIS A 139 -7.70 5.63 3.77
C HIS A 139 -6.62 6.20 4.67
N MET A 140 -7.03 7.11 5.56
CA MET A 140 -6.10 7.63 6.55
C MET A 140 -5.62 6.52 7.46
N ALA A 141 -6.57 5.71 7.93
CA ALA A 141 -6.24 4.58 8.79
C ALA A 141 -5.32 3.61 8.06
N GLU A 142 -5.55 3.43 6.77
CA GLU A 142 -4.66 2.60 5.95
C GLU A 142 -3.25 3.17 5.90
N GLY A 143 -3.14 4.46 5.61
CA GLY A 143 -1.85 5.13 5.56
C GLY A 143 -1.15 5.01 6.89
N TYR A 144 -1.92 5.22 7.96
CA TYR A 144 -1.40 5.10 9.32
C TYR A 144 -0.85 3.70 9.57
N ALA A 145 -1.62 2.69 9.17
CA ALA A 145 -1.26 1.31 9.43
C ALA A 145 0.01 0.93 8.67
N ARG A 146 0.11 1.35 7.42
CA ARG A 146 1.26 0.96 6.63
C ARG A 146 2.52 1.70 7.06
N ALA A 147 2.37 2.91 7.56
CA ALA A 147 3.51 3.67 8.05
C ALA A 147 3.99 3.15 9.41
N SER A 148 3.08 2.69 10.23
CA SER A 148 3.38 2.39 11.64
C SER A 148 3.55 0.91 11.94
N GLY A 149 2.98 0.05 11.11
CA GLY A 149 2.92 -1.36 11.42
C GLY A 149 1.86 -1.71 12.46
N LYS A 150 1.06 -0.72 12.86
CA LYS A 150 -0.03 -0.94 13.81
C LYS A 150 -1.37 -0.98 13.07
N PRO A 151 -2.40 -1.61 13.66
CA PRO A 151 -3.70 -1.54 12.98
C PRO A 151 -4.26 -0.12 12.94
N GLY A 152 -4.89 0.22 11.82
CA GLY A 152 -5.55 1.51 11.67
C GLY A 152 -6.96 1.36 12.17
N VAL A 153 -7.36 2.21 13.12
CA VAL A 153 -8.67 2.07 13.72
C VAL A 153 -9.64 3.14 13.22
N VAL A 154 -10.79 2.67 12.73
CA VAL A 154 -11.81 3.53 12.17
C VAL A 154 -13.08 3.45 13.01
N LEU A 155 -13.67 4.61 13.29
CA LEU A 155 -14.87 4.69 14.09
C LEU A 155 -15.93 5.51 13.37
N VAL A 156 -16.98 4.87 12.86
CA VAL A 156 -17.98 5.60 12.08
C VAL A 156 -19.39 5.25 12.54
N THR A 157 -20.37 5.97 12.01
CA THR A 157 -21.74 5.74 12.42
C THR A 157 -22.38 4.71 11.50
N SER A 158 -23.66 4.45 11.72
CA SER A 158 -24.40 3.48 10.91
C SER A 158 -24.68 4.00 9.51
N GLY A 159 -25.32 3.15 8.71
CA GLY A 159 -25.80 3.54 7.40
C GLY A 159 -24.70 4.07 6.51
N PRO A 160 -24.83 5.33 6.07
CA PRO A 160 -23.89 5.88 5.10
C PRO A 160 -22.49 6.07 5.69
N GLY A 161 -22.41 6.23 7.01
CA GLY A 161 -21.11 6.34 7.66
C GLY A 161 -20.35 5.06 7.41
N ALA A 162 -21.06 3.94 7.52
CA ALA A 162 -20.46 2.62 7.37
C ALA A 162 -20.23 2.25 5.91
N THR A 163 -21.21 2.50 5.05
CA THR A 163 -21.04 2.13 3.64
C THR A 163 -19.94 2.98 2.99
N ASN A 164 -19.68 4.15 3.56
CA ASN A 164 -18.61 5.01 3.04
C ASN A 164 -17.21 4.46 3.27
N VAL A 165 -17.08 3.44 4.13
N VAL A 165 -17.05 3.46 4.13
CA VAL A 165 -15.78 2.84 4.42
CA VAL A 165 -15.71 2.89 4.32
C VAL A 165 -15.55 1.56 3.59
C VAL A 165 -15.59 1.53 3.64
N ILE A 166 -16.51 1.23 2.73
CA ILE A 166 -16.42 -0.01 1.95
C ILE A 166 -15.22 0.00 0.99
N THR A 167 -14.98 1.09 0.29
CA THR A 167 -13.82 1.14 -0.61
C THR A 167 -12.49 1.01 0.17
N PRO A 168 -12.32 1.78 1.27
CA PRO A 168 -11.11 1.55 2.07
C PRO A 168 -10.95 0.10 2.59
N MET A 169 -12.06 -0.53 2.96
CA MET A 169 -12.02 -1.91 3.42
C MET A 169 -11.57 -2.85 2.31
N ALA A 170 -12.16 -2.69 1.13
CA ALA A 170 -11.79 -3.52 -0.02
C ALA A 170 -10.34 -3.22 -0.40
N ASP A 171 -9.96 -1.96 -0.28
CA ASP A 171 -8.59 -1.55 -0.51
C ASP A 171 -7.63 -2.27 0.43
N ALA A 172 -7.96 -2.24 1.72
CA ALA A 172 -7.13 -2.84 2.76
C ALA A 172 -7.01 -4.34 2.60
N LEU A 173 -8.10 -4.98 2.20
CA LEU A 173 -8.09 -6.42 1.95
C LEU A 173 -7.10 -6.77 0.83
N MET A 174 -7.20 -6.05 -0.29
CA MET A 174 -6.36 -6.33 -1.44
C MET A 174 -4.87 -6.09 -1.14
N ASP A 175 -4.59 -5.12 -0.28
CA ASP A 175 -3.19 -4.77 0.02
C ASP A 175 -2.71 -5.28 1.38
N GLY A 176 -3.51 -6.11 2.03
CA GLY A 176 -3.09 -6.73 3.27
C GLY A 176 -2.82 -5.72 4.37
N VAL A 177 -3.75 -4.79 4.55
CA VAL A 177 -3.60 -3.71 5.52
C VAL A 177 -4.46 -3.97 6.75
N PRO A 178 -3.86 -3.98 7.95
CA PRO A 178 -4.58 -4.24 9.19
C PRO A 178 -5.48 -3.04 9.53
N LEU A 179 -6.76 -3.21 9.27
CA LEU A 179 -7.74 -2.17 9.48
C LEU A 179 -8.82 -2.67 10.43
N VAL A 180 -9.07 -1.94 11.50
CA VAL A 180 -10.15 -2.36 12.39
C VAL A 180 -11.26 -1.31 12.34
N VAL A 181 -12.36 -1.66 11.70
CA VAL A 181 -13.44 -0.70 11.50
C VAL A 181 -14.58 -0.94 12.49
N PHE A 182 -14.86 0.08 13.28
CA PHE A 182 -15.99 0.05 14.20
C PHE A 182 -17.10 0.92 13.65
N SER A 183 -18.23 0.30 13.34
CA SER A 183 -19.37 1.01 12.78
C SER A 183 -20.54 1.00 13.73
N GLY A 184 -21.08 2.18 14.03
CA GLY A 184 -22.34 2.28 14.74
C GLY A 184 -23.40 1.54 13.97
N GLN A 185 -24.41 1.06 14.67
CA GLN A 185 -25.52 0.36 14.04
C GLN A 185 -26.78 0.78 14.77
N VAL A 186 -27.92 0.72 14.08
CA VAL A 186 -29.20 0.99 14.72
C VAL A 186 -29.39 -0.01 15.87
N PRO A 187 -30.25 0.34 16.86
CA PRO A 187 -30.54 -0.56 17.99
C PRO A 187 -30.89 -1.97 17.51
N THR A 188 -30.50 -2.98 18.27
CA THR A 188 -30.83 -4.37 17.94
C THR A 188 -32.33 -4.55 17.66
N THR A 189 -33.15 -3.81 18.39
CA THR A 189 -34.60 -3.87 18.23
C THR A 189 -35.09 -3.37 16.87
N ALA A 190 -34.22 -2.69 16.12
CA ALA A 190 -34.63 -2.08 14.86
C ALA A 190 -33.97 -2.73 13.65
N ILE A 191 -33.06 -3.66 13.90
CA ILE A 191 -32.32 -4.29 12.80
C ILE A 191 -33.25 -5.12 11.93
N GLY A 192 -33.12 -4.96 10.62
CA GLY A 192 -33.95 -5.70 9.68
C GLY A 192 -35.32 -5.11 9.45
N THR A 193 -35.52 -3.85 9.88
CA THR A 193 -36.79 -3.15 9.66
C THR A 193 -36.67 -2.04 8.64
N ASP A 194 -35.49 -1.96 8.00
CA ASP A 194 -35.12 -0.84 7.12
C ASP A 194 -35.21 0.45 7.92
N ALA A 195 -34.58 0.42 9.09
CA ALA A 195 -34.64 1.52 10.04
C ALA A 195 -33.91 2.75 9.53
N PHE A 196 -34.10 3.86 10.23
CA PHE A 196 -33.37 5.08 9.94
C PHE A 196 -31.87 4.81 9.92
N GLN A 197 -31.21 5.19 8.82
CA GLN A 197 -29.77 5.01 8.64
C GLN A 197 -29.29 3.59 8.89
N GLU A 198 -30.10 2.61 8.50
CA GLU A 198 -29.70 1.21 8.63
C GLU A 198 -29.14 0.68 7.33
N ALA A 199 -27.93 0.17 7.39
CA ALA A 199 -27.38 -0.61 6.30
C ALA A 199 -27.03 -1.98 6.84
N ASP A 200 -27.13 -2.99 5.99
CA ASP A 200 -26.64 -4.31 6.34
C ASP A 200 -25.12 -4.35 6.13
N ILE A 201 -24.39 -3.65 6.98
CA ILE A 201 -22.96 -3.49 6.75
C ILE A 201 -22.22 -4.81 6.93
N VAL A 202 -22.74 -5.69 7.78
CA VAL A 202 -22.12 -7.00 7.94
C VAL A 202 -22.24 -7.82 6.65
N GLY A 203 -23.42 -7.77 6.02
CA GLY A 203 -23.61 -8.42 4.74
C GLY A 203 -22.79 -7.76 3.64
N ILE A 204 -22.84 -6.44 3.58
CA ILE A 204 -22.14 -5.69 2.54
C ILE A 204 -20.63 -5.87 2.63
N SER A 205 -20.08 -5.77 3.83
CA SER A 205 -18.63 -5.80 4.02
C SER A 205 -18.04 -7.20 4.07
N ARG A 206 -18.89 -8.22 4.00
CA ARG A 206 -18.41 -9.59 4.16
C ARG A 206 -17.32 -9.95 3.14
N SER A 207 -17.56 -9.62 1.87
CA SER A 207 -16.60 -9.93 0.81
C SER A 207 -15.34 -9.08 0.88
N CYS A 208 -15.40 -7.95 1.60
CA CYS A 208 -14.20 -7.11 1.63
C CYS A 208 -13.60 -6.93 3.02
N THR A 209 -13.80 -7.93 3.88
CA THR A 209 -13.15 -8.02 5.17
C THR A 209 -12.64 -9.45 5.39
N LYS A 210 -11.59 -9.58 6.20
CA LYS A 210 -11.16 -10.90 6.64
C LYS A 210 -12.27 -11.54 7.45
N TRP A 211 -12.99 -10.70 8.17
CA TRP A 211 -13.93 -11.16 9.18
C TRP A 211 -14.75 -9.97 9.65
N ASN A 212 -16.01 -10.20 9.97
CA ASN A 212 -16.78 -9.15 10.62
C ASN A 212 -17.77 -9.76 11.60
N VAL A 213 -18.42 -8.92 12.38
CA VAL A 213 -19.30 -9.40 13.43
C VAL A 213 -20.18 -8.26 13.86
N MET A 214 -21.37 -8.59 14.33
CA MET A 214 -22.19 -7.61 15.02
C MET A 214 -22.28 -7.98 16.48
N VAL A 215 -21.86 -7.07 17.34
CA VAL A 215 -21.93 -7.29 18.77
C VAL A 215 -23.39 -7.26 19.19
N LYS A 216 -23.82 -8.26 19.96
CA LYS A 216 -25.23 -8.37 20.29
C LYS A 216 -25.51 -8.00 21.74
N ASN A 217 -24.48 -7.96 22.56
CA ASN A 217 -24.62 -7.54 23.94
C ASN A 217 -23.30 -7.04 24.47
N VAL A 218 -23.36 -6.19 25.49
CA VAL A 218 -22.17 -5.52 25.98
C VAL A 218 -21.20 -6.50 26.63
N ALA A 219 -21.72 -7.60 27.16
CA ALA A 219 -20.86 -8.61 27.80
C ALA A 219 -19.84 -9.22 26.82
N GLU A 220 -20.19 -9.28 25.53
CA GLU A 220 -19.28 -9.89 24.56
C GLU A 220 -18.46 -8.85 23.81
N LEU A 221 -18.67 -7.58 24.13
CA LEU A 221 -17.95 -6.51 23.44
C LEU A 221 -16.42 -6.61 23.60
N PRO A 222 -15.91 -6.81 24.83
CA PRO A 222 -14.45 -6.94 24.90
C PRO A 222 -13.89 -8.11 24.09
N ARG A 223 -14.61 -9.24 24.09
CA ARG A 223 -14.16 -10.40 23.34
C ARG A 223 -14.13 -10.13 21.84
N ARG A 224 -15.17 -9.49 21.33
CA ARG A 224 -15.24 -9.18 19.90
C ARG A 224 -14.15 -8.22 19.49
N ILE A 225 -13.86 -7.26 20.36
CA ILE A 225 -12.79 -6.31 20.12
C ILE A 225 -11.43 -7.02 20.03
N ASN A 226 -11.14 -7.90 21.01
CA ASN A 226 -9.91 -8.68 20.98
C ASN A 226 -9.80 -9.51 19.71
N GLU A 227 -10.91 -10.16 19.38
CA GLU A 227 -10.99 -11.02 18.22
C GLU A 227 -10.70 -10.22 16.95
N ALA A 228 -11.27 -9.02 16.86
CA ALA A 228 -11.06 -8.14 15.72
C ALA A 228 -9.59 -7.78 15.54
N PHE A 229 -8.95 -7.33 16.60
CA PHE A 229 -7.56 -6.93 16.52
C PHE A 229 -6.67 -8.12 16.18
N GLU A 230 -6.99 -9.26 16.78
CA GLU A 230 -6.20 -10.45 16.53
C GLU A 230 -6.28 -10.87 15.05
N ILE A 231 -7.48 -10.95 14.53
CA ILE A 231 -7.67 -11.36 13.13
C ILE A 231 -7.05 -10.36 12.16
N ALA A 232 -7.23 -9.07 12.45
CA ALA A 232 -6.68 -8.02 11.58
C ALA A 232 -5.17 -8.09 11.45
N THR A 233 -4.49 -8.53 12.51
CA THR A 233 -3.04 -8.41 12.57
C THR A 233 -2.28 -9.72 12.40
N THR A 234 -3.00 -10.85 12.38
CA THR A 234 -2.35 -12.14 12.21
C THR A 234 -2.58 -12.67 10.81
N GLY A 235 -1.84 -13.73 10.44
CA GLY A 235 -1.88 -14.25 9.08
C GLY A 235 -1.50 -13.14 8.14
N ARG A 236 -2.13 -13.09 6.96
CA ARG A 236 -2.00 -11.89 6.15
C ARG A 236 -2.87 -10.82 6.78
N PRO A 237 -2.26 -9.69 7.19
CA PRO A 237 -3.06 -8.62 7.81
C PRO A 237 -4.18 -8.19 6.89
N GLY A 238 -5.30 -7.73 7.45
CA GLY A 238 -6.41 -7.29 6.63
C GLY A 238 -7.45 -6.58 7.46
N PRO A 239 -8.49 -6.07 6.80
CA PRO A 239 -9.55 -5.31 7.48
C PRO A 239 -10.57 -6.21 8.16
N VAL A 240 -11.03 -5.78 9.32
CA VAL A 240 -12.15 -6.40 9.99
C VAL A 240 -13.15 -5.33 10.33
N LEU A 241 -14.42 -5.70 10.41
CA LEU A 241 -15.44 -4.74 10.83
C LEU A 241 -16.19 -5.28 12.04
N VAL A 242 -16.42 -4.41 13.02
CA VAL A 242 -17.20 -4.75 14.18
C VAL A 242 -18.39 -3.81 14.25
N ASP A 243 -19.59 -4.36 14.11
CA ASP A 243 -20.82 -3.58 14.07
C ASP A 243 -21.34 -3.36 15.50
N LEU A 244 -21.59 -2.11 15.87
CA LEU A 244 -21.93 -1.75 17.24
C LEU A 244 -23.32 -1.12 17.39
N PRO A 245 -24.34 -1.96 17.64
CA PRO A 245 -25.69 -1.43 17.80
C PRO A 245 -25.74 -0.40 18.93
N LYS A 246 -26.48 0.68 18.70
CA LYS A 246 -26.54 1.81 19.61
C LYS A 246 -26.96 1.42 21.02
N ASP A 247 -27.91 0.49 21.14
CA ASP A 247 -28.40 0.09 22.46
C ASP A 247 -27.36 -0.77 23.18
N VAL A 248 -26.50 -1.45 22.43
CA VAL A 248 -25.41 -2.20 23.05
C VAL A 248 -24.36 -1.25 23.63
N THR A 249 -23.97 -0.22 22.87
CA THR A 249 -22.93 0.68 23.35
C THR A 249 -23.47 1.62 24.43
N ALA A 250 -24.78 1.87 24.43
CA ALA A 250 -25.41 2.65 25.50
C ALA A 250 -25.67 1.80 26.75
N SER A 251 -25.81 0.49 26.57
CA SER A 251 -26.13 -0.38 27.70
C SER A 251 -24.95 -0.47 28.66
N ILE A 252 -25.27 -0.84 29.90
CA ILE A 252 -24.28 -0.94 30.96
C ILE A 252 -24.03 -2.41 31.30
N LEU A 253 -22.76 -2.79 31.39
CA LEU A 253 -22.40 -4.15 31.79
C LEU A 253 -22.80 -4.41 33.24
N ARG A 254 -23.63 -5.42 33.47
CA ARG A 254 -24.13 -5.74 34.80
C ARG A 254 -23.58 -7.05 35.34
N GLU A 255 -22.84 -7.77 34.51
CA GLU A 255 -22.34 -9.08 34.89
C GLU A 255 -20.85 -9.20 34.65
N SER A 256 -20.18 -10.01 35.46
CA SER A 256 -18.76 -10.26 35.29
C SER A 256 -18.51 -11.02 34.00
N ILE A 257 -17.31 -10.86 33.43
CA ILE A 257 -16.96 -11.52 32.17
C ILE A 257 -15.62 -12.22 32.30
N PRO A 258 -15.39 -13.27 31.49
CA PRO A 258 -14.09 -13.98 31.57
C PRO A 258 -12.93 -13.02 31.44
N ILE A 259 -12.00 -13.12 32.38
CA ILE A 259 -10.90 -12.16 32.46
C ILE A 259 -10.01 -12.20 31.22
N ASN A 260 -10.00 -13.34 30.53
N ASN A 260 -10.00 -13.34 30.52
CA ASN A 260 -9.21 -13.48 29.31
CA ASN A 260 -9.20 -13.46 29.31
C ASN A 260 -9.73 -12.56 28.20
C ASN A 260 -9.74 -12.57 28.19
N THR A 261 -11.03 -12.25 28.25
CA THR A 261 -11.65 -11.40 27.24
C THR A 261 -11.39 -9.91 27.49
N THR A 262 -10.87 -9.59 28.68
CA THR A 262 -10.58 -8.19 29.03
C THR A 262 -9.14 -7.83 28.69
N LEU A 263 -8.41 -8.79 28.14
CA LEU A 263 -7.01 -8.57 27.77
C LEU A 263 -6.75 -9.03 26.34
N PRO A 264 -5.88 -8.29 25.62
CA PRO A 264 -5.34 -8.75 24.34
C PRO A 264 -4.38 -9.92 24.53
N SER A 265 -3.74 -10.39 23.45
CA SER A 265 -2.79 -11.47 23.56
C SER A 265 -1.35 -10.96 23.72
N ALA A 275 6.10 -22.94 18.13
CA ALA A 275 7.33 -23.32 17.43
C ALA A 275 7.08 -23.54 15.94
N VAL A 276 8.06 -24.11 15.26
CA VAL A 276 7.97 -24.39 13.83
C VAL A 276 7.64 -25.85 13.57
N SER A 277 6.55 -26.10 12.84
CA SER A 277 6.18 -27.46 12.48
C SER A 277 7.29 -28.09 11.65
N GLU A 278 7.59 -29.35 11.91
CA GLU A 278 8.68 -30.00 11.22
C GLU A 278 8.36 -30.27 9.76
N PHE A 279 7.09 -30.13 9.37
CA PHE A 279 6.74 -30.16 7.96
C PHE A 279 7.39 -28.96 7.26
N THR A 280 7.31 -27.80 7.92
CA THR A 280 7.88 -26.56 7.41
C THR A 280 9.40 -26.57 7.56
N SER A 281 9.87 -27.05 8.70
CA SER A 281 11.30 -27.18 8.96
C SER A 281 11.97 -28.04 7.89
N GLU A 282 11.30 -29.12 7.46
CA GLU A 282 11.84 -29.96 6.42
C GLU A 282 11.75 -29.27 5.06
N ALA A 283 10.66 -28.53 4.85
CA ALA A 283 10.52 -27.76 3.62
C ALA A 283 11.65 -26.74 3.51
N ILE A 284 11.98 -26.09 4.62
CA ILE A 284 13.05 -25.10 4.65
C ILE A 284 14.39 -25.72 4.29
N LYS A 285 14.70 -26.87 4.89
CA LYS A 285 15.93 -27.59 4.58
C LYS A 285 15.98 -27.94 3.10
N ARG A 286 14.84 -28.39 2.57
CA ARG A 286 14.75 -28.76 1.17
C ARG A 286 14.95 -27.53 0.27
N ALA A 287 14.35 -26.42 0.67
CA ALA A 287 14.48 -25.16 -0.04
C ALA A 287 15.94 -24.70 -0.09
N ALA A 288 16.63 -24.84 1.03
CA ALA A 288 18.04 -24.45 1.12
C ALA A 288 18.88 -25.28 0.15
N ASN A 289 18.61 -26.57 0.10
CA ASN A 289 19.36 -27.45 -0.79
C ASN A 289 19.13 -27.06 -2.26
N ILE A 290 17.91 -26.66 -2.58
CA ILE A 290 17.60 -26.21 -3.93
C ILE A 290 18.37 -24.93 -4.26
N LEU A 291 18.37 -23.98 -3.33
CA LEU A 291 19.09 -22.72 -3.55
C LEU A 291 20.60 -22.95 -3.66
N ASN A 292 21.13 -23.90 -2.90
CA ASN A 292 22.57 -24.16 -2.94
C ASN A 292 23.03 -24.76 -4.26
N LYS A 293 22.08 -25.20 -5.08
CA LYS A 293 22.37 -25.70 -6.42
C LYS A 293 22.26 -24.60 -7.47
N ALA A 294 21.52 -23.54 -7.14
CA ALA A 294 21.19 -22.50 -8.10
C ALA A 294 22.41 -21.77 -8.65
N LYS A 295 22.40 -21.52 -9.96
CA LYS A 295 23.46 -20.78 -10.60
C LYS A 295 22.96 -19.41 -11.05
N LYS A 296 21.64 -19.25 -11.06
CA LYS A 296 21.02 -17.99 -11.43
C LYS A 296 19.88 -17.62 -10.49
N PRO A 297 20.18 -17.44 -9.20
CA PRO A 297 19.10 -17.14 -8.26
C PRO A 297 18.61 -15.71 -8.36
N ILE A 298 17.38 -15.49 -7.95
CA ILE A 298 16.83 -14.15 -7.84
C ILE A 298 15.85 -14.12 -6.68
N ILE A 299 15.90 -13.05 -5.90
CA ILE A 299 14.95 -12.84 -4.84
C ILE A 299 13.83 -11.96 -5.36
N TYR A 300 12.60 -12.42 -5.16
CA TYR A 300 11.41 -11.69 -5.55
C TYR A 300 10.68 -11.34 -4.25
N ALA A 301 10.85 -10.09 -3.81
CA ALA A 301 10.44 -9.70 -2.47
C ALA A 301 9.24 -8.77 -2.51
N GLY A 302 8.30 -9.01 -1.62
CA GLY A 302 7.09 -8.22 -1.60
C GLY A 302 6.74 -7.64 -0.24
N ALA A 303 5.51 -7.17 -0.12
CA ALA A 303 5.02 -6.51 1.10
C ALA A 303 5.18 -7.33 2.38
N GLY A 304 5.18 -8.65 2.26
CA GLY A 304 5.25 -9.51 3.42
C GLY A 304 6.52 -9.35 4.22
N ILE A 305 7.62 -9.00 3.54
CA ILE A 305 8.89 -8.85 4.21
C ILE A 305 8.85 -7.59 5.11
N LEU A 306 7.92 -6.69 4.81
CA LEU A 306 7.77 -5.45 5.57
C LEU A 306 6.98 -5.62 6.86
N ASN A 307 6.33 -6.77 7.03
CA ASN A 307 5.46 -6.96 8.18
C ASN A 307 6.22 -7.38 9.43
N ASN A 308 7.53 -7.40 9.32
CA ASN A 308 8.41 -7.60 10.46
C ASN A 308 9.57 -6.63 10.34
N GLU A 309 9.93 -5.99 11.44
CA GLU A 309 10.98 -4.98 11.42
C GLU A 309 12.33 -5.57 11.05
N GLN A 310 12.51 -6.87 11.30
CA GLN A 310 13.76 -7.54 10.95
C GLN A 310 13.74 -8.06 9.52
N GLY A 311 12.59 -7.97 8.86
CA GLY A 311 12.42 -8.45 7.51
C GLY A 311 13.47 -7.97 6.51
N PRO A 312 13.54 -6.64 6.31
CA PRO A 312 14.55 -6.11 5.38
C PRO A 312 15.97 -6.51 5.74
N LYS A 313 16.28 -6.55 7.04
CA LYS A 313 17.62 -6.94 7.47
C LYS A 313 17.95 -8.36 7.03
N LEU A 314 17.02 -9.28 7.25
CA LEU A 314 17.24 -10.68 6.89
C LEU A 314 17.24 -10.89 5.38
N LEU A 315 16.41 -10.12 4.68
CA LEU A 315 16.44 -10.13 3.22
C LEU A 315 17.84 -9.78 2.72
N LYS A 316 18.39 -8.70 3.26
CA LYS A 316 19.74 -8.26 2.92
C LYS A 316 20.78 -9.31 3.28
N GLU A 317 20.61 -9.90 4.46
CA GLU A 317 21.53 -10.93 4.92
C GLU A 317 21.55 -12.11 3.95
N LEU A 318 20.37 -12.53 3.50
CA LEU A 318 20.29 -13.62 2.54
C LEU A 318 20.92 -13.24 1.21
N ALA A 319 20.54 -12.08 0.67
CA ALA A 319 21.07 -11.61 -0.60
C ALA A 319 22.59 -11.48 -0.54
N ASP A 320 23.10 -10.98 0.57
CA ASP A 320 24.54 -10.83 0.75
C ASP A 320 25.23 -12.18 0.84
N LYS A 321 24.67 -13.08 1.64
CA LYS A 321 25.32 -14.37 1.88
C LYS A 321 25.42 -15.23 0.62
N ALA A 322 24.30 -15.38 -0.08
CA ALA A 322 24.25 -16.26 -1.24
C ALA A 322 24.48 -15.50 -2.55
N ASN A 323 24.76 -14.20 -2.43
CA ASN A 323 25.03 -13.35 -3.58
C ASN A 323 23.90 -13.40 -4.60
N ILE A 324 22.78 -12.78 -4.24
CA ILE A 324 21.56 -12.88 -5.03
C ILE A 324 21.01 -11.51 -5.39
N PRO A 325 20.74 -11.27 -6.68
CA PRO A 325 20.06 -10.05 -7.10
C PRO A 325 18.63 -9.99 -6.56
N VAL A 326 18.18 -8.80 -6.21
CA VAL A 326 16.88 -8.62 -5.59
C VAL A 326 15.97 -7.72 -6.41
N THR A 327 14.79 -8.22 -6.75
CA THR A 327 13.75 -7.38 -7.32
C THR A 327 12.58 -7.35 -6.34
N THR A 328 11.81 -6.26 -6.34
CA THR A 328 10.64 -6.18 -5.48
C THR A 328 9.39 -5.84 -6.27
N THR A 329 8.24 -6.12 -5.66
CA THR A 329 6.98 -5.63 -6.18
C THR A 329 6.86 -4.15 -5.89
N LEU A 330 5.78 -3.55 -6.40
CA LEU A 330 5.41 -2.19 -6.05
C LEU A 330 5.25 -2.08 -4.53
N GLN A 331 4.63 -3.07 -3.91
CA GLN A 331 4.39 -2.99 -2.48
C GLN A 331 5.63 -3.37 -1.66
N GLY A 332 6.62 -3.96 -2.33
CA GLY A 332 7.85 -4.29 -1.65
C GLY A 332 8.89 -3.19 -1.71
N LEU A 333 8.59 -2.10 -2.41
CA LEU A 333 9.54 -1.02 -2.59
C LEU A 333 10.03 -0.48 -1.25
N GLY A 334 11.34 -0.40 -1.08
CA GLY A 334 11.92 0.04 0.17
C GLY A 334 12.36 -1.11 1.07
N ALA A 335 11.93 -2.33 0.73
CA ALA A 335 12.37 -3.50 1.46
C ALA A 335 13.84 -3.78 1.20
N PHE A 336 14.32 -3.34 0.04
CA PHE A 336 15.72 -3.53 -0.31
C PHE A 336 16.33 -2.20 -0.74
N ASP A 337 17.56 -1.95 -0.29
CA ASP A 337 18.26 -0.72 -0.66
C ASP A 337 18.56 -0.70 -2.16
N GLN A 338 17.84 0.15 -2.90
CA GLN A 338 18.00 0.17 -4.35
C GLN A 338 19.34 0.73 -4.81
N ARG A 339 20.09 1.33 -3.88
CA ARG A 339 21.44 1.82 -4.17
C ARG A 339 22.42 0.65 -4.23
N ASP A 340 22.03 -0.48 -3.63
CA ASP A 340 22.85 -1.68 -3.65
C ASP A 340 22.99 -2.22 -5.08
N PRO A 341 24.21 -2.59 -5.50
CA PRO A 341 24.45 -3.14 -6.84
C PRO A 341 23.57 -4.35 -7.17
N LYS A 342 23.13 -5.07 -6.14
CA LYS A 342 22.30 -6.26 -6.34
C LYS A 342 20.83 -5.94 -6.58
N SER A 343 20.48 -4.66 -6.56
CA SER A 343 19.09 -4.27 -6.78
C SER A 343 18.71 -4.31 -8.26
N LEU A 344 17.63 -5.02 -8.58
CA LEU A 344 17.11 -5.08 -9.93
C LEU A 344 15.93 -4.13 -10.13
N ASP A 345 15.61 -3.38 -9.08
CA ASP A 345 14.47 -2.47 -9.06
C ASP A 345 13.14 -3.25 -9.11
N MET A 346 12.07 -2.57 -9.51
CA MET A 346 10.73 -3.17 -9.51
C MET A 346 10.50 -4.04 -10.75
N LEU A 347 9.79 -5.15 -10.59
CA LEU A 347 9.43 -5.99 -11.72
C LEU A 347 7.96 -5.80 -12.07
N GLY A 348 7.54 -6.33 -13.22
CA GLY A 348 6.13 -6.31 -13.57
C GLY A 348 5.80 -5.50 -14.82
N MET A 349 4.50 -5.30 -15.02
CA MET A 349 3.97 -4.61 -16.20
C MET A 349 4.68 -3.29 -16.49
N HIS A 350 4.94 -2.53 -15.45
CA HIS A 350 5.61 -1.24 -15.58
C HIS A 350 6.93 -1.26 -14.84
N GLY A 351 7.42 -2.46 -14.55
CA GLY A 351 8.68 -2.62 -13.87
C GLY A 351 9.86 -2.55 -14.83
N SER A 352 11.05 -2.55 -14.27
CA SER A 352 12.29 -2.56 -15.05
C SER A 352 12.38 -3.76 -15.98
N ALA A 353 12.79 -3.51 -17.23
CA ALA A 353 13.02 -4.60 -18.17
C ALA A 353 14.18 -5.47 -17.71
N ALA A 354 15.06 -4.91 -16.89
CA ALA A 354 16.17 -5.69 -16.33
C ALA A 354 15.64 -6.70 -15.32
N ALA A 355 14.76 -6.26 -14.45
CA ALA A 355 14.16 -7.14 -13.45
C ALA A 355 13.33 -8.21 -14.14
N ASN A 356 12.51 -7.80 -15.10
CA ASN A 356 11.67 -8.72 -15.84
C ASN A 356 12.49 -9.75 -16.61
N THR A 357 13.57 -9.29 -17.24
CA THR A 357 14.46 -10.22 -17.93
C THR A 357 15.10 -11.20 -16.95
N ALA A 358 15.55 -10.70 -15.81
CA ALA A 358 16.24 -11.56 -14.84
C ALA A 358 15.33 -12.66 -14.28
N ILE A 359 14.11 -12.30 -13.93
CA ILE A 359 13.22 -13.30 -13.36
CA ILE A 359 13.12 -13.25 -13.41
C ILE A 359 12.83 -14.33 -14.43
N GLN A 360 12.76 -13.91 -15.70
CA GLN A 360 12.44 -14.82 -16.79
C GLN A 360 13.60 -15.78 -17.09
N ASN A 361 14.78 -15.45 -16.60
CA ASN A 361 15.95 -16.28 -16.88
C ASN A 361 16.53 -16.95 -15.65
N ALA A 362 15.95 -16.68 -14.49
CA ALA A 362 16.46 -17.23 -13.24
C ALA A 362 16.14 -18.71 -13.09
N ASP A 363 17.06 -19.49 -12.53
CA ASP A 363 16.77 -20.91 -12.32
C ASP A 363 16.17 -21.15 -10.93
N CYS A 364 16.32 -20.18 -10.05
CA CYS A 364 15.75 -20.28 -8.72
C CYS A 364 15.16 -18.95 -8.28
N ILE A 365 13.86 -18.96 -7.99
CA ILE A 365 13.18 -17.75 -7.55
C ILE A 365 12.78 -17.87 -6.09
N ILE A 366 13.29 -16.95 -5.28
CA ILE A 366 12.96 -16.93 -3.87
C ILE A 366 11.90 -15.86 -3.63
N ALA A 367 10.66 -16.31 -3.49
CA ALA A 367 9.53 -15.42 -3.32
C ALA A 367 9.31 -15.12 -1.85
N LEU A 368 9.61 -13.88 -1.46
CA LEU A 368 9.55 -13.48 -0.06
C LEU A 368 8.39 -12.52 0.20
N GLY A 369 7.27 -13.04 0.69
CA GLY A 369 6.13 -12.21 1.03
C GLY A 369 5.55 -11.47 -0.17
N ALA A 370 5.34 -12.20 -1.25
CA ALA A 370 4.77 -11.62 -2.47
C ALA A 370 3.81 -12.64 -3.07
N ARG A 371 2.72 -12.18 -3.68
CA ARG A 371 1.64 -13.10 -4.03
C ARG A 371 1.45 -13.37 -5.52
N PHE A 372 2.47 -13.06 -6.33
CA PHE A 372 2.43 -13.31 -7.76
C PHE A 372 1.17 -12.72 -8.41
N ASP A 373 0.91 -11.46 -8.11
CA ASP A 373 -0.19 -10.70 -8.69
CA ASP A 373 -0.25 -10.80 -8.69
C ASP A 373 -0.09 -10.63 -10.21
N ASP A 374 -1.21 -10.40 -10.89
CA ASP A 374 -1.18 -10.40 -12.36
C ASP A 374 -0.46 -9.19 -12.95
N ARG A 375 -0.21 -8.15 -12.14
CA ARG A 375 0.62 -7.05 -12.62
C ARG A 375 2.11 -7.46 -12.66
N VAL A 376 2.45 -8.50 -11.92
CA VAL A 376 3.85 -8.90 -11.78
C VAL A 376 4.25 -10.04 -12.73
N THR A 377 3.37 -11.02 -12.91
CA THR A 377 3.73 -12.25 -13.62
C THR A 377 3.72 -12.12 -15.15
N GLY A 378 2.99 -11.13 -15.66
CA GLY A 378 2.72 -11.08 -17.09
C GLY A 378 1.90 -12.29 -17.46
N ASN A 379 2.01 -12.74 -18.70
CA ASN A 379 1.38 -13.99 -19.12
C ASN A 379 1.84 -15.14 -18.23
N ILE A 380 0.93 -15.64 -17.40
CA ILE A 380 1.23 -16.66 -16.40
C ILE A 380 1.85 -17.93 -17.01
N SER A 381 1.30 -18.39 -18.12
CA SER A 381 1.79 -19.61 -18.75
C SER A 381 3.22 -19.44 -19.26
N LYS A 382 3.64 -18.19 -19.47
CA LYS A 382 4.98 -17.92 -19.99
C LYS A 382 5.89 -17.35 -18.91
N PHE A 383 5.41 -17.31 -17.67
CA PHE A 383 6.16 -16.75 -16.56
C PHE A 383 7.25 -17.70 -16.06
N ALA A 384 8.40 -17.13 -15.74
CA ALA A 384 9.52 -17.87 -15.12
C ALA A 384 9.89 -19.20 -15.79
N PRO A 385 10.14 -19.18 -17.12
CA PRO A 385 10.40 -20.43 -17.85
C PRO A 385 11.61 -21.20 -17.31
N GLU A 386 12.67 -20.47 -16.98
CA GLU A 386 13.92 -21.09 -16.55
C GLU A 386 13.79 -21.74 -15.18
N ALA A 387 12.94 -21.15 -14.33
CA ALA A 387 12.74 -21.69 -12.99
C ALA A 387 11.87 -22.94 -13.02
N LYS A 388 10.90 -22.97 -13.93
CA LYS A 388 10.08 -24.17 -14.12
C LYS A 388 10.91 -25.29 -14.73
N LEU A 389 11.80 -24.95 -15.66
CA LEU A 389 12.67 -25.96 -16.25
C LEU A 389 13.58 -26.53 -15.17
N ALA A 390 14.19 -25.65 -14.38
CA ALA A 390 15.10 -26.06 -13.31
C ALA A 390 14.40 -26.97 -12.30
N ALA A 391 13.16 -26.63 -11.94
CA ALA A 391 12.37 -27.45 -11.04
C ALA A 391 12.18 -28.86 -11.60
N SER A 392 11.81 -28.93 -12.88
CA SER A 392 11.61 -30.23 -13.54
C SER A 392 12.89 -31.04 -13.58
N GLU A 393 14.04 -30.36 -13.57
CA GLU A 393 15.32 -31.05 -13.63
C GLU A 393 15.98 -31.17 -12.26
N GLY A 394 15.24 -30.77 -11.22
CA GLY A 394 15.71 -30.91 -9.85
C GLY A 394 16.93 -30.08 -9.52
N ARG A 395 17.01 -28.88 -10.08
CA ARG A 395 18.16 -28.00 -9.86
C ARG A 395 17.71 -26.56 -9.63
N GLY A 396 16.45 -26.36 -9.29
CA GLY A 396 15.95 -25.02 -9.01
C GLY A 396 14.45 -24.98 -8.78
N GLY A 397 13.83 -23.89 -9.20
CA GLY A 397 12.40 -23.74 -9.07
C GLY A 397 12.01 -22.52 -8.25
N ILE A 398 10.81 -22.57 -7.69
CA ILE A 398 10.28 -21.44 -6.93
C ILE A 398 10.15 -21.78 -5.45
N LEU A 399 10.81 -20.99 -4.62
CA LEU A 399 10.75 -21.17 -3.19
C LEU A 399 9.86 -20.08 -2.61
N HIS A 400 8.66 -20.44 -2.19
CA HIS A 400 7.66 -19.45 -1.81
C HIS A 400 7.48 -19.36 -0.29
N PHE A 401 7.95 -18.27 0.30
CA PHE A 401 7.77 -17.98 1.71
C PHE A 401 6.51 -17.16 1.89
N GLU A 402 5.44 -17.82 2.35
CA GLU A 402 4.12 -17.21 2.35
C GLU A 402 3.35 -17.53 3.62
N ILE A 403 2.71 -16.54 4.22
CA ILE A 403 2.06 -16.74 5.50
C ILE A 403 0.63 -17.25 5.34
N SER A 404 0.03 -16.99 4.18
CA SER A 404 -1.36 -17.35 3.93
C SER A 404 -1.44 -18.51 2.94
N PRO A 405 -1.92 -19.68 3.42
CA PRO A 405 -2.03 -20.89 2.60
C PRO A 405 -2.85 -20.65 1.33
N LYS A 406 -3.84 -19.78 1.40
CA LYS A 406 -4.63 -19.41 0.23
C LYS A 406 -3.77 -18.91 -0.93
N ASN A 407 -2.67 -18.23 -0.60
CA ASN A 407 -1.83 -17.64 -1.65
C ASN A 407 -0.66 -18.52 -2.04
N ILE A 408 -0.56 -19.69 -1.42
CA ILE A 408 0.42 -20.68 -1.82
C ILE A 408 -0.18 -21.55 -2.92
N ASN A 409 0.53 -21.64 -4.05
CA ASN A 409 0.07 -22.41 -5.21
C ASN A 409 -1.25 -21.90 -5.75
N LYS A 410 -1.50 -20.60 -5.60
CA LYS A 410 -2.71 -19.99 -6.14
C LYS A 410 -2.53 -19.62 -7.59
N VAL A 411 -1.35 -19.12 -7.92
CA VAL A 411 -1.06 -18.61 -9.25
C VAL A 411 0.00 -19.45 -9.95
N VAL A 412 1.11 -19.66 -9.26
CA VAL A 412 2.21 -20.47 -9.76
C VAL A 412 2.53 -21.57 -8.76
N GLU A 413 2.93 -22.73 -9.27
CA GLU A 413 3.30 -23.83 -8.40
C GLU A 413 4.62 -23.55 -7.69
N ALA A 414 4.59 -23.60 -6.37
CA ALA A 414 5.83 -23.47 -5.60
C ALA A 414 6.55 -24.80 -5.61
N THR A 415 7.85 -24.77 -5.86
CA THR A 415 8.65 -25.98 -5.79
C THR A 415 8.74 -26.39 -4.32
N GLU A 416 8.95 -25.40 -3.46
CA GLU A 416 8.84 -25.61 -2.02
C GLU A 416 8.03 -24.48 -1.42
N ALA A 417 7.03 -24.85 -0.64
CA ALA A 417 6.19 -23.90 0.07
C ALA A 417 6.66 -23.79 1.51
N ILE A 418 7.03 -22.58 1.94
CA ILE A 418 7.45 -22.37 3.31
C ILE A 418 6.41 -21.50 3.99
N GLU A 419 5.53 -22.16 4.73
CA GLU A 419 4.38 -21.50 5.32
C GLU A 419 4.77 -20.77 6.60
N GLY A 420 4.22 -19.57 6.78
CA GLY A 420 4.44 -18.82 8.00
C GLY A 420 5.05 -17.46 7.74
N ASP A 421 5.42 -16.78 8.82
CA ASP A 421 6.06 -15.48 8.71
C ASP A 421 7.38 -15.60 7.96
N VAL A 422 7.55 -14.82 6.90
CA VAL A 422 8.73 -14.94 6.05
C VAL A 422 10.00 -14.60 6.85
N THR A 423 9.90 -13.62 7.72
CA THR A 423 11.05 -13.19 8.51
C THR A 423 11.51 -14.27 9.47
N ALA A 424 10.56 -14.86 10.20
CA ALA A 424 10.87 -15.96 11.11
C ALA A 424 11.48 -17.13 10.36
N ASN A 425 10.90 -17.47 9.21
CA ASN A 425 11.40 -18.60 8.44
C ASN A 425 12.76 -18.33 7.81
N LEU A 426 13.04 -17.07 7.50
CA LEU A 426 14.36 -16.70 7.00
C LEU A 426 15.44 -16.94 8.05
N GLN A 427 15.10 -16.74 9.32
CA GLN A 427 16.05 -16.99 10.42
C GLN A 427 16.52 -18.44 10.42
N SER A 428 15.64 -19.35 10.00
CA SER A 428 15.99 -20.76 9.91
C SER A 428 16.65 -21.07 8.57
N PHE A 429 16.20 -20.38 7.54
CA PHE A 429 16.63 -20.63 6.17
C PHE A 429 18.10 -20.28 5.94
N ILE A 430 18.45 -19.04 6.27
CA ILE A 430 19.75 -18.48 5.94
C ILE A 430 20.96 -19.32 6.43
N PRO A 431 20.96 -19.76 7.70
CA PRO A 431 22.11 -20.58 8.11
C PRO A 431 22.27 -21.91 7.36
N LEU A 432 21.23 -22.38 6.68
CA LEU A 432 21.31 -23.61 5.88
C LEU A 432 21.79 -23.30 4.45
N VAL A 433 21.80 -22.01 4.11
CA VAL A 433 22.19 -21.55 2.79
C VAL A 433 23.70 -21.35 2.69
N ASP A 434 24.33 -21.94 1.68
CA ASP A 434 25.77 -21.80 1.49
C ASP A 434 26.17 -20.37 1.14
N SER A 435 27.24 -19.89 1.76
CA SER A 435 27.78 -18.58 1.41
CA SER A 435 27.78 -18.58 1.42
C SER A 435 28.42 -18.65 0.04
N ILE A 436 28.16 -17.64 -0.79
CA ILE A 436 28.72 -17.64 -2.14
C ILE A 436 29.43 -16.33 -2.42
N GLU A 437 30.70 -16.42 -2.83
CA GLU A 437 31.53 -15.25 -3.06
C GLU A 437 31.15 -14.53 -4.35
N ASN A 438 31.16 -15.26 -5.47
CA ASN A 438 30.94 -14.67 -6.78
C ASN A 438 30.03 -15.50 -7.68
N ARG A 439 29.32 -14.82 -8.56
CA ARG A 439 28.58 -15.46 -9.64
C ARG A 439 28.87 -14.67 -10.91
N PRO A 440 30.08 -14.86 -11.48
CA PRO A 440 30.58 -14.07 -12.60
C PRO A 440 29.61 -14.02 -13.78
N GLU A 441 29.17 -15.19 -14.23
CA GLU A 441 28.33 -15.29 -15.42
C GLU A 441 26.95 -14.70 -15.20
N TRP A 442 26.36 -15.00 -14.05
CA TRP A 442 25.02 -14.52 -13.73
C TRP A 442 25.03 -13.00 -13.56
N PHE A 443 25.96 -12.50 -12.77
CA PHE A 443 26.01 -11.07 -12.51
C PHE A 443 26.52 -10.28 -13.70
N ASN A 444 27.21 -10.94 -14.62
CA ASN A 444 27.57 -10.30 -15.88
C ASN A 444 26.30 -10.00 -16.71
N LYS A 445 25.40 -10.98 -16.78
CA LYS A 445 24.11 -10.80 -17.43
C LYS A 445 23.30 -9.71 -16.73
N ILE A 446 23.24 -9.78 -15.40
CA ILE A 446 22.46 -8.83 -14.63
C ILE A 446 22.94 -7.41 -14.83
N ASN A 447 24.26 -7.22 -14.77
CA ASN A 447 24.82 -5.88 -14.95
C ASN A 447 24.60 -5.38 -16.37
N GLU A 448 24.70 -6.28 -17.34
CA GLU A 448 24.42 -5.93 -18.74
C GLU A 448 22.96 -5.56 -18.92
N TRP A 449 22.06 -6.30 -18.28
CA TRP A 449 20.63 -6.00 -18.38
C TRP A 449 20.31 -4.67 -17.71
N LYS A 450 20.92 -4.41 -16.55
CA LYS A 450 20.69 -3.16 -15.84
C LYS A 450 21.16 -2.00 -16.70
N LYS A 451 22.31 -2.16 -17.37
CA LYS A 451 22.85 -1.10 -18.20
C LYS A 451 21.98 -0.84 -19.43
N LYS A 452 21.50 -1.89 -20.09
CA LYS A 452 20.75 -1.70 -21.33
C LYS A 452 19.28 -1.35 -21.08
N TYR A 453 18.81 -1.54 -19.85
CA TYR A 453 17.40 -1.29 -19.54
C TYR A 453 17.19 -0.26 -18.43
N PRO A 454 17.69 0.98 -18.61
CA PRO A 454 17.34 1.98 -17.61
C PRO A 454 15.90 2.44 -17.84
N TYR A 455 15.36 3.20 -16.91
CA TYR A 455 14.05 3.80 -17.12
C TYR A 455 14.15 5.01 -18.05
N SER A 456 14.42 4.74 -19.32
CA SER A 456 14.59 5.81 -20.30
CA SER A 456 14.58 5.80 -20.32
C SER A 456 13.26 6.47 -20.66
N TYR A 457 13.33 7.75 -21.03
CA TYR A 457 12.16 8.52 -21.43
C TYR A 457 12.64 9.72 -22.23
N GLN A 458 11.72 10.41 -22.90
CA GLN A 458 12.06 11.62 -23.63
C GLN A 458 12.34 12.78 -22.67
N LEU A 459 13.60 13.22 -22.65
CA LEU A 459 13.99 14.36 -21.82
C LEU A 459 13.32 15.64 -22.27
N GLU A 460 13.25 16.61 -21.36
CA GLU A 460 12.86 17.97 -21.68
C GLU A 460 13.60 18.49 -22.91
N THR A 461 12.95 19.35 -23.67
CA THR A 461 13.60 20.05 -24.77
C THR A 461 13.37 21.53 -24.53
N PRO A 462 14.10 22.42 -25.22
CA PRO A 462 13.85 23.84 -24.99
C PRO A 462 12.40 24.22 -25.25
N GLY A 463 11.78 24.87 -24.27
CA GLY A 463 10.39 25.30 -24.42
C GLY A 463 9.35 24.28 -23.99
N SER A 464 9.76 23.02 -23.84
CA SER A 464 8.80 21.96 -23.51
C SER A 464 8.36 22.08 -22.05
N LEU A 465 7.27 21.40 -21.74
CA LEU A 465 6.82 21.30 -20.36
C LEU A 465 7.76 20.38 -19.61
N ILE A 466 7.70 20.45 -18.29
CA ILE A 466 8.43 19.51 -17.44
C ILE A 466 7.94 18.10 -17.72
N LYS A 467 8.88 17.16 -17.87
CA LYS A 467 8.51 15.76 -18.03
C LYS A 467 8.20 15.19 -16.65
N PRO A 468 7.13 14.39 -16.55
CA PRO A 468 6.74 13.86 -15.24
C PRO A 468 7.84 12.99 -14.62
N GLN A 469 8.60 12.27 -15.45
CA GLN A 469 9.67 11.42 -14.93
C GLN A 469 10.77 12.27 -14.28
N THR A 470 11.07 13.41 -14.89
CA THR A 470 12.09 14.32 -14.37
C THR A 470 11.67 14.91 -13.03
N LEU A 471 10.40 15.27 -12.95
CA LEU A 471 9.85 15.78 -11.70
C LEU A 471 10.08 14.81 -10.55
N ILE A 472 9.76 13.53 -10.78
CA ILE A 472 9.93 12.53 -9.73
C ILE A 472 11.39 12.45 -9.29
N LYS A 473 12.30 12.47 -10.27
CA LYS A 473 13.72 12.42 -9.96
C LYS A 473 14.14 13.59 -9.09
N GLU A 474 13.61 14.77 -9.42
CA GLU A 474 13.95 15.99 -8.69
C GLU A 474 13.50 15.87 -7.24
N ILE A 475 12.25 15.47 -7.06
CA ILE A 475 11.71 15.27 -5.72
C ILE A 475 12.52 14.24 -4.94
N SER A 476 12.82 13.11 -5.60
CA SER A 476 13.58 12.05 -4.93
C SER A 476 14.96 12.53 -4.51
N ASP A 477 15.65 13.23 -5.40
CA ASP A 477 17.00 13.71 -5.10
C ASP A 477 16.98 14.73 -3.96
N GLN A 478 16.03 15.67 -4.00
CA GLN A 478 15.97 16.72 -3.00
C GLN A 478 15.42 16.22 -1.66
N ALA A 479 14.49 15.28 -1.70
CA ALA A 479 13.94 14.72 -0.45
C ALA A 479 15.00 14.00 0.36
N GLN A 480 15.89 13.27 -0.30
CA GLN A 480 16.90 12.45 0.39
C GLN A 480 17.91 13.35 1.08
N THR A 481 17.80 14.65 0.83
CA THR A 481 18.70 15.66 1.35
C THR A 481 18.43 16.00 2.81
N TYR A 482 17.19 15.83 3.27
CA TYR A 482 16.83 16.20 4.64
C TYR A 482 17.22 15.10 5.62
N ASN A 483 17.48 15.48 6.87
CA ASN A 483 17.81 14.50 7.89
C ASN A 483 16.55 13.94 8.55
N LYS A 484 15.56 13.64 7.71
CA LYS A 484 14.30 13.10 8.17
C LYS A 484 13.93 11.90 7.32
N GLU A 485 13.16 10.98 7.90
CA GLU A 485 12.60 9.89 7.12
C GLU A 485 11.65 10.47 6.07
N VAL A 486 11.59 9.82 4.91
CA VAL A 486 10.74 10.30 3.83
C VAL A 486 9.76 9.22 3.45
N ILE A 487 8.48 9.52 3.61
CA ILE A 487 7.42 8.58 3.29
C ILE A 487 6.64 9.10 2.10
N VAL A 488 6.41 8.22 1.14
CA VAL A 488 5.70 8.59 -0.06
C VAL A 488 4.38 7.87 -0.16
N THR A 489 3.30 8.63 -0.38
CA THR A 489 2.04 8.02 -0.78
C THR A 489 1.76 8.47 -2.20
N THR A 490 0.82 7.79 -2.87
CA THR A 490 0.48 8.18 -4.22
C THR A 490 -1.03 8.06 -4.46
N GLY A 491 -1.49 8.70 -5.53
CA GLY A 491 -2.76 8.36 -6.11
C GLY A 491 -2.58 7.16 -7.02
N VAL A 492 -3.46 7.01 -8.00
CA VAL A 492 -3.40 5.89 -8.91
C VAL A 492 -3.39 6.38 -10.35
N GLY A 493 -2.43 5.88 -11.12
CA GLY A 493 -2.30 6.26 -12.52
C GLY A 493 -0.84 6.34 -12.91
N GLN A 494 -0.55 7.13 -13.93
CA GLN A 494 0.82 7.24 -14.44
C GLN A 494 1.78 7.79 -13.39
N HIS A 495 1.35 8.84 -12.68
CA HIS A 495 2.19 9.45 -11.65
C HIS A 495 2.63 8.43 -10.61
N GLN A 496 1.74 7.49 -10.32
CA GLN A 496 2.02 6.42 -9.37
C GLN A 496 3.15 5.52 -9.85
N MET A 497 3.09 5.10 -11.11
CA MET A 497 4.10 4.23 -11.67
C MET A 497 5.42 4.97 -11.86
N TRP A 498 5.33 6.24 -12.23
CA TRP A 498 6.55 7.04 -12.36
C TRP A 498 7.19 7.25 -11.00
N ALA A 499 6.37 7.44 -9.97
CA ALA A 499 6.89 7.55 -8.61
C ALA A 499 7.61 6.26 -8.23
N ALA A 500 6.97 5.14 -8.51
CA ALA A 500 7.55 3.82 -8.22
C ALA A 500 8.89 3.65 -8.93
N GLN A 501 8.92 4.01 -10.22
CA GLN A 501 10.11 3.81 -11.03
C GLN A 501 11.24 4.74 -10.64
N HIS A 502 10.94 6.03 -10.49
CA HIS A 502 12.01 7.01 -10.47
C HIS A 502 12.44 7.51 -9.11
N PHE A 503 11.68 7.17 -8.07
CA PHE A 503 12.18 7.39 -6.71
C PHE A 503 13.25 6.37 -6.44
N THR A 504 14.22 6.74 -5.62
CA THR A 504 15.19 5.77 -5.14
C THR A 504 14.71 5.27 -3.78
N TRP A 505 14.31 4.01 -3.72
CA TRP A 505 13.73 3.43 -2.52
C TRP A 505 14.78 2.74 -1.66
N THR A 506 14.86 3.12 -0.39
CA THR A 506 15.94 2.66 0.48
C THR A 506 15.47 2.17 1.84
N GLN A 507 14.29 2.60 2.26
CA GLN A 507 13.81 2.28 3.61
C GLN A 507 12.45 1.60 3.59
N PRO A 508 12.24 0.67 4.54
CA PRO A 508 10.96 -0.05 4.60
C PRO A 508 9.80 0.83 5.04
N ARG A 509 8.61 0.53 4.52
CA ARG A 509 7.38 1.28 4.84
C ARG A 509 7.48 2.75 4.46
N THR A 510 8.02 3.01 3.26
CA THR A 510 8.11 4.37 2.77
C THR A 510 7.36 4.55 1.45
N MET A 511 6.89 3.43 0.90
CA MET A 511 6.00 3.46 -0.25
C MET A 511 4.61 3.04 0.18
N ILE A 512 3.68 3.99 0.22
CA ILE A 512 2.34 3.72 0.70
C ILE A 512 1.36 4.03 -0.41
N THR A 513 0.98 2.99 -1.13
CA THR A 513 0.30 3.19 -2.39
C THR A 513 -0.76 2.11 -2.54
N SER A 514 -1.88 2.46 -3.18
CA SER A 514 -2.94 1.51 -3.39
C SER A 514 -2.61 0.64 -4.60
N GLY A 515 -2.29 -0.62 -4.35
CA GLY A 515 -1.79 -1.50 -5.39
C GLY A 515 -2.77 -2.54 -5.89
N GLY A 516 -3.41 -3.26 -4.98
CA GLY A 516 -4.30 -4.34 -5.34
C GLY A 516 -5.63 -3.86 -5.91
N LEU A 517 -6.28 -2.95 -5.18
CA LEU A 517 -7.52 -2.36 -5.64
C LEU A 517 -7.24 -1.18 -6.57
N GLY A 518 -6.19 -0.42 -6.24
CA GLY A 518 -5.81 0.73 -7.05
C GLY A 518 -6.83 1.86 -6.96
N THR A 519 -7.00 2.38 -5.75
CA THR A 519 -8.03 3.39 -5.48
C THR A 519 -7.55 4.82 -5.71
N MET A 520 -8.02 5.45 -6.78
CA MET A 520 -7.79 6.89 -6.94
C MET A 520 -8.34 7.62 -5.72
N GLY A 521 -7.63 8.65 -5.25
CA GLY A 521 -8.09 9.41 -4.10
C GLY A 521 -7.41 9.00 -2.82
N TYR A 522 -6.68 7.89 -2.89
CA TYR A 522 -5.97 7.30 -1.76
C TYR A 522 -4.85 8.20 -1.24
N GLY A 523 -4.17 8.87 -2.15
CA GLY A 523 -2.94 9.59 -1.85
C GLY A 523 -2.98 10.58 -0.70
N LEU A 524 -3.95 11.48 -0.73
CA LEU A 524 -4.02 12.52 0.29
C LEU A 524 -4.40 11.97 1.68
N PRO A 525 -5.52 11.24 1.79
CA PRO A 525 -5.82 10.74 3.14
C PRO A 525 -4.76 9.76 3.65
N ALA A 526 -4.21 8.90 2.78
CA ALA A 526 -3.13 8.00 3.22
C ALA A 526 -1.95 8.79 3.77
N ALA A 527 -1.61 9.90 3.12
CA ALA A 527 -0.52 10.75 3.57
C ALA A 527 -0.81 11.33 4.96
N ILE A 528 -2.04 11.80 5.17
CA ILE A 528 -2.44 12.32 6.46
C ILE A 528 -2.28 11.24 7.55
N GLY A 529 -2.76 10.03 7.25
CA GLY A 529 -2.60 8.93 8.19
C GLY A 529 -1.15 8.60 8.46
N ALA A 530 -0.33 8.53 7.40
CA ALA A 530 1.08 8.25 7.57
C ALA A 530 1.77 9.36 8.37
N GLN A 531 1.35 10.61 8.13
CA GLN A 531 1.95 11.75 8.81
C GLN A 531 1.62 11.71 10.30
N VAL A 532 0.42 11.26 10.62
CA VAL A 532 0.02 11.14 12.01
C VAL A 532 0.80 10.00 12.67
N ALA A 533 1.01 8.91 11.94
CA ALA A 533 1.82 7.80 12.45
C ALA A 533 3.27 8.23 12.69
N LYS A 534 3.78 9.04 11.77
CA LYS A 534 5.18 9.47 11.81
C LYS A 534 5.28 10.99 11.77
N PRO A 535 5.04 11.65 12.91
CA PRO A 535 4.98 13.12 12.99
C PRO A 535 6.28 13.82 12.54
N ASP A 536 7.41 13.14 12.66
CA ASP A 536 8.69 13.74 12.32
C ASP A 536 9.15 13.39 10.91
N ALA A 537 8.34 12.64 10.18
CA ALA A 537 8.69 12.27 8.81
C ALA A 537 8.28 13.34 7.83
N ILE A 538 9.00 13.40 6.71
CA ILE A 538 8.52 14.10 5.53
C ILE A 538 7.58 13.16 4.83
N VAL A 539 6.34 13.59 4.62
CA VAL A 539 5.38 12.74 3.95
C VAL A 539 4.93 13.42 2.67
N ILE A 540 5.20 12.76 1.56
CA ILE A 540 4.92 13.32 0.25
C ILE A 540 3.85 12.50 -0.44
N ASP A 541 2.75 13.16 -0.78
CA ASP A 541 1.73 12.55 -1.62
C ASP A 541 2.01 12.92 -3.07
N ILE A 542 2.57 11.97 -3.82
CA ILE A 542 2.73 12.16 -5.25
C ILE A 542 1.41 11.78 -5.91
N ASP A 543 0.69 12.77 -6.41
CA ASP A 543 -0.70 12.57 -6.79
C ASP A 543 -0.98 12.94 -8.24
N GLY A 544 -2.04 12.37 -8.80
CA GLY A 544 -2.50 12.77 -10.13
C GLY A 544 -3.53 13.85 -9.96
N ASP A 545 -3.80 14.62 -11.02
CA ASP A 545 -4.83 15.63 -10.91
C ASP A 545 -6.21 14.98 -10.76
N ALA A 546 -6.47 13.92 -11.53
CA ALA A 546 -7.77 13.26 -11.45
C ALA A 546 -7.94 12.55 -10.10
N SER A 547 -6.89 11.87 -9.64
CA SER A 547 -6.90 11.20 -8.34
C SER A 547 -7.12 12.19 -7.20
N PHE A 548 -6.39 13.29 -7.25
CA PHE A 548 -6.47 14.30 -6.21
C PHE A 548 -7.89 14.88 -6.12
N ASN A 549 -8.53 15.06 -7.27
CA ASN A 549 -9.91 15.55 -7.31
C ASN A 549 -10.88 14.68 -6.52
N MET A 550 -10.59 13.39 -6.44
CA MET A 550 -11.49 12.45 -5.78
C MET A 550 -11.73 12.79 -4.32
N THR A 551 -10.67 13.20 -3.63
CA THR A 551 -10.74 13.32 -2.17
C THR A 551 -10.10 14.62 -1.66
N LEU A 552 -10.02 15.64 -2.52
CA LEU A 552 -9.28 16.85 -2.17
C LEU A 552 -9.89 17.59 -0.98
N THR A 553 -11.12 17.25 -0.60
CA THR A 553 -11.73 17.91 0.55
C THR A 553 -10.94 17.61 1.83
N GLU A 554 -10.16 16.54 1.82
CA GLU A 554 -9.43 16.15 3.03
C GLU A 554 -8.24 17.07 3.33
N LEU A 555 -8.00 18.05 2.48
CA LEU A 555 -7.00 19.08 2.78
C LEU A 555 -7.31 19.78 4.10
N SER A 556 -8.58 20.13 4.32
CA SER A 556 -9.02 20.73 5.58
CA SER A 556 -8.95 20.76 5.57
C SER A 556 -8.69 19.81 6.75
N SER A 557 -8.81 18.51 6.50
CA SER A 557 -8.55 17.52 7.54
C SER A 557 -7.08 17.53 7.96
N ALA A 558 -6.17 17.69 7.00
CA ALA A 558 -4.74 17.75 7.30
C ALA A 558 -4.44 18.94 8.20
N VAL A 559 -5.03 20.07 7.89
CA VAL A 559 -4.82 21.27 8.68
C VAL A 559 -5.34 21.04 10.09
N GLN A 560 -6.57 20.56 10.20
CA GLN A 560 -7.18 20.39 11.52
C GLN A 560 -6.42 19.35 12.35
N ALA A 561 -5.84 18.34 11.69
CA ALA A 561 -5.09 17.30 12.40
C ALA A 561 -3.66 17.72 12.72
N GLY A 562 -3.20 18.84 12.16
CA GLY A 562 -1.83 19.28 12.33
C GLY A 562 -0.83 18.36 11.63
N ALA A 563 -1.21 17.87 10.46
CA ALA A 563 -0.37 16.98 9.67
C ALA A 563 0.25 17.72 8.49
N PRO A 564 1.55 18.06 8.58
CA PRO A 564 2.18 18.91 7.57
C PRO A 564 2.56 18.15 6.30
N ILE A 565 1.58 17.49 5.71
CA ILE A 565 1.77 16.70 4.51
C ILE A 565 2.19 17.56 3.33
N LYS A 566 2.85 16.92 2.37
CA LYS A 566 3.31 17.58 1.17
C LYS A 566 2.67 16.94 -0.04
N VAL A 567 1.69 17.63 -0.62
CA VAL A 567 0.98 17.10 -1.78
C VAL A 567 1.57 17.66 -3.05
N CYS A 568 2.04 16.77 -3.92
CA CYS A 568 2.51 17.18 -5.24
C CYS A 568 1.55 16.65 -6.28
N VAL A 569 0.82 17.55 -6.92
CA VAL A 569 -0.09 17.14 -7.98
C VAL A 569 0.62 17.19 -9.33
N LEU A 570 0.80 16.03 -9.95
CA LEU A 570 1.32 16.01 -11.32
C LEU A 570 0.16 16.33 -12.24
N ASN A 571 0.05 17.59 -12.62
CA ASN A 571 -1.08 18.03 -13.40
C ASN A 571 -0.83 17.90 -14.90
N ASN A 572 -1.27 16.78 -15.48
CA ASN A 572 -1.23 16.63 -16.92
C ASN A 572 -2.60 16.91 -17.51
N GLU A 573 -3.50 17.43 -16.69
CA GLU A 573 -4.86 17.75 -17.10
C GLU A 573 -5.57 16.60 -17.81
N GLU A 574 -5.33 15.39 -17.32
CA GLU A 574 -5.88 14.19 -17.96
C GLU A 574 -5.88 13.00 -16.99
N GLN A 575 -6.73 12.02 -17.29
CA GLN A 575 -6.62 10.72 -16.66
C GLN A 575 -5.53 9.99 -17.45
N GLY A 576 -4.28 10.29 -17.13
CA GLY A 576 -3.14 9.91 -17.96
C GLY A 576 -3.07 8.44 -18.29
N MET A 577 -3.28 7.60 -17.29
N MET A 577 -3.26 7.59 -17.29
CA MET A 577 -3.16 6.15 -17.46
CA MET A 577 -3.15 6.16 -17.51
C MET A 577 -4.25 5.61 -18.39
C MET A 577 -4.23 5.66 -18.47
N VAL A 578 -5.42 6.23 -18.38
CA VAL A 578 -6.50 5.83 -19.26
C VAL A 578 -6.28 6.38 -20.66
N THR A 579 -5.77 7.60 -20.77
CA THR A 579 -5.52 8.14 -22.09
C THR A 579 -4.38 7.35 -22.75
N GLN A 580 -3.45 6.85 -21.93
CA GLN A 580 -2.38 5.99 -22.48
C GLN A 580 -3.01 4.74 -23.12
N TRP A 581 -3.93 4.09 -22.40
CA TRP A 581 -4.60 2.91 -22.97
C TRP A 581 -5.44 3.28 -24.20
N GLN A 582 -6.02 4.48 -24.19
CA GLN A 582 -6.85 4.91 -25.31
C GLN A 582 -6.00 5.27 -26.53
N SER A 583 -4.82 5.86 -26.29
CA SER A 583 -3.87 6.11 -27.37
C SER A 583 -3.44 4.79 -27.99
N LEU A 584 -3.17 3.83 -27.12
CA LEU A 584 -2.58 2.55 -27.52
C LEU A 584 -3.59 1.61 -28.17
N PHE A 585 -4.76 1.46 -27.56
CA PHE A 585 -5.70 0.43 -28.01
C PHE A 585 -6.94 0.98 -28.69
N TYR A 586 -7.21 2.28 -28.55
CA TYR A 586 -8.45 2.81 -29.10
C TYR A 586 -8.22 4.01 -30.02
N GLU A 587 -7.07 4.00 -30.70
CA GLU A 587 -6.78 4.93 -31.77
C GLU A 587 -7.03 6.38 -31.38
N HIS A 588 -6.58 6.73 -30.17
CA HIS A 588 -6.60 8.10 -29.67
C HIS A 588 -8.02 8.64 -29.55
N ARG A 589 -8.97 7.74 -29.27
CA ARG A 589 -10.32 8.14 -28.94
CA ARG A 589 -10.32 8.14 -28.94
C ARG A 589 -10.42 8.33 -27.43
N TYR A 590 -10.28 9.58 -26.99
CA TYR A 590 -10.27 9.87 -25.57
C TYR A 590 -11.67 10.07 -25.05
N SER A 591 -12.28 8.96 -24.63
CA SER A 591 -13.66 8.95 -24.19
C SER A 591 -13.75 9.31 -22.72
N HIS A 592 -14.16 10.55 -22.45
CA HIS A 592 -14.43 11.04 -21.09
C HIS A 592 -13.27 10.86 -20.13
N THR A 593 -12.07 11.21 -20.57
CA THR A 593 -10.90 11.01 -19.75
C THR A 593 -10.19 12.32 -19.43
N HIS A 594 -10.88 13.42 -19.63
CA HIS A 594 -10.36 14.73 -19.29
C HIS A 594 -11.33 15.47 -18.39
N GLN A 595 -11.15 15.29 -17.08
CA GLN A 595 -11.95 16.01 -16.10
C GLN A 595 -11.39 17.41 -15.96
N SER A 596 -12.26 18.40 -15.79
CA SER A 596 -11.80 19.76 -15.56
C SER A 596 -11.26 19.83 -14.13
N ASN A 597 -10.16 20.57 -13.97
CA ASN A 597 -9.54 20.74 -12.67
C ASN A 597 -9.87 22.08 -12.05
N PRO A 598 -9.96 22.14 -10.72
CA PRO A 598 -10.05 23.45 -10.10
C PRO A 598 -8.71 24.18 -10.21
N ASP A 599 -8.71 25.46 -9.87
CA ASP A 599 -7.48 26.21 -9.65
C ASP A 599 -6.84 25.68 -8.37
N PHE A 600 -5.78 24.91 -8.49
CA PHE A 600 -5.23 24.24 -7.32
C PHE A 600 -4.62 25.21 -6.32
N MET A 601 -4.15 26.36 -6.80
CA MET A 601 -3.59 27.37 -5.90
C MET A 601 -4.69 28.07 -5.09
N LYS A 602 -5.80 28.42 -5.72
CA LYS A 602 -6.90 29.03 -4.99
C LYS A 602 -7.54 27.99 -4.09
N LEU A 603 -7.55 26.74 -4.55
CA LEU A 603 -8.04 25.65 -3.73
C LEU A 603 -7.22 25.53 -2.44
N ALA A 604 -5.91 25.48 -2.58
CA ALA A 604 -5.02 25.38 -1.42
C ALA A 604 -5.27 26.54 -0.47
N GLU A 605 -5.35 27.74 -1.03
CA GLU A 605 -5.65 28.93 -0.24
C GLU A 605 -6.97 28.79 0.52
N SER A 606 -8.01 28.30 -0.15
CA SER A 606 -9.31 28.13 0.49
C SER A 606 -9.24 27.14 1.64
N MET A 607 -8.30 26.19 1.55
CA MET A 607 -8.14 25.14 2.55
C MET A 607 -7.16 25.52 3.64
N ASN A 608 -6.66 26.75 3.57
CA ASN A 608 -5.63 27.25 4.50
C ASN A 608 -4.34 26.42 4.39
N VAL A 609 -4.00 26.06 3.16
CA VAL A 609 -2.80 25.28 2.88
C VAL A 609 -1.89 26.09 1.96
N LYS A 610 -0.58 26.02 2.21
CA LYS A 610 0.39 26.68 1.37
C LYS A 610 0.31 26.14 -0.05
N GLY A 611 0.35 27.03 -1.03
CA GLY A 611 0.28 26.60 -2.42
C GLY A 611 1.51 27.01 -3.22
N ILE A 612 2.03 26.06 -4.00
CA ILE A 612 3.14 26.32 -4.91
C ILE A 612 2.80 25.80 -6.30
N ARG A 613 3.01 26.61 -7.32
CA ARG A 613 2.76 26.14 -8.67
C ARG A 613 4.02 26.23 -9.51
N ILE A 614 4.40 25.10 -10.11
CA ILE A 614 5.54 25.05 -11.02
C ILE A 614 5.04 24.87 -12.45
N THR A 615 5.34 25.84 -13.31
CA THR A 615 4.77 25.84 -14.65
C THR A 615 5.80 25.62 -15.75
N ASN A 616 7.08 25.80 -15.45
CA ASN A 616 8.12 25.61 -16.46
C ASN A 616 9.38 24.98 -15.89
N GLN A 617 10.28 24.56 -16.78
CA GLN A 617 11.51 23.87 -16.38
C GLN A 617 12.34 24.69 -15.41
N GLN A 618 12.37 26.00 -15.62
CA GLN A 618 13.25 26.87 -14.84
C GLN A 618 12.76 27.08 -13.42
N GLU A 619 11.56 26.60 -13.10
CA GLU A 619 11.00 26.74 -11.75
C GLU A 619 11.08 25.42 -10.99
N LEU A 620 11.50 24.36 -11.67
CA LEU A 620 11.43 23.01 -11.10
C LEU A 620 12.23 22.85 -9.81
N LYS A 621 13.52 23.16 -9.87
CA LYS A 621 14.42 22.97 -8.73
C LYS A 621 14.01 23.81 -7.52
N SER A 622 13.86 25.10 -7.72
CA SER A 622 13.53 26.02 -6.62
C SER A 622 12.13 25.77 -6.09
N GLY A 623 11.22 25.39 -6.96
CA GLY A 623 9.85 25.09 -6.55
C GLY A 623 9.78 23.85 -5.69
N VAL A 624 10.52 22.82 -6.08
CA VAL A 624 10.58 21.59 -5.28
C VAL A 624 11.26 21.84 -3.94
N LYS A 625 12.28 22.70 -3.92
CA LYS A 625 12.96 23.03 -2.67
CA LYS A 625 12.96 23.04 -2.67
C LYS A 625 12.00 23.72 -1.70
N GLU A 626 11.22 24.68 -2.21
CA GLU A 626 10.26 25.41 -1.39
C GLU A 626 9.22 24.45 -0.83
N PHE A 627 8.83 23.50 -1.68
CA PHE A 627 7.89 22.44 -1.35
C PHE A 627 8.39 21.64 -0.14
N LEU A 628 9.62 21.15 -0.23
CA LEU A 628 10.19 20.31 0.81
C LEU A 628 10.61 21.11 2.05
N ASP A 629 11.02 22.35 1.85
CA ASP A 629 11.41 23.21 2.97
C ASP A 629 10.22 23.65 3.83
N ALA A 630 9.02 23.60 3.27
CA ALA A 630 7.82 24.03 3.99
C ALA A 630 7.62 23.24 5.29
N THR A 631 7.16 23.93 6.32
CA THR A 631 6.94 23.30 7.63
C THR A 631 5.46 23.28 7.98
N GLU A 632 4.64 23.43 6.94
CA GLU A 632 3.19 23.44 7.07
C GLU A 632 2.63 22.58 5.96
N PRO A 633 1.34 22.21 6.03
CA PRO A 633 0.75 21.51 4.89
C PRO A 633 0.97 22.31 3.62
N VAL A 634 1.30 21.65 2.52
CA VAL A 634 1.59 22.38 1.31
C VAL A 634 1.11 21.61 0.09
N LEU A 635 0.52 22.33 -0.85
CA LEU A 635 0.09 21.74 -2.10
C LEU A 635 0.97 22.30 -3.22
N LEU A 636 1.70 21.41 -3.88
CA LEU A 636 2.50 21.77 -5.04
C LEU A 636 1.80 21.26 -6.29
N GLU A 637 1.47 22.18 -7.19
CA GLU A 637 0.99 21.80 -8.50
C GLU A 637 2.14 21.89 -9.51
N VAL A 638 2.37 20.83 -10.28
CA VAL A 638 3.36 20.90 -11.33
C VAL A 638 2.72 20.65 -12.68
N ILE A 639 2.82 21.61 -13.59
CA ILE A 639 2.38 21.41 -14.96
C ILE A 639 3.37 20.46 -15.64
N VAL A 640 2.89 19.29 -16.05
CA VAL A 640 3.79 18.36 -16.71
C VAL A 640 3.28 17.99 -18.10
N GLU A 641 4.19 17.45 -18.91
CA GLU A 641 3.89 17.05 -20.27
C GLU A 641 2.71 16.09 -20.30
N LYS A 642 1.82 16.29 -21.28
CA LYS A 642 0.61 15.47 -21.42
C LYS A 642 0.82 14.40 -22.46
N LYS A 643 -0.03 13.36 -22.42
CA LYS A 643 0.01 12.28 -23.39
C LYS A 643 1.40 11.67 -23.49
N VAL A 644 1.95 11.33 -22.33
CA VAL A 644 3.24 10.65 -22.26
C VAL A 644 3.00 9.27 -21.66
N PRO A 645 3.40 8.22 -22.39
CA PRO A 645 3.17 6.85 -21.88
C PRO A 645 4.16 6.44 -20.80
N VAL A 646 3.68 5.66 -19.84
CA VAL A 646 4.57 4.99 -18.90
C VAL A 646 5.23 3.83 -19.63
N LEU A 647 6.56 3.82 -19.63
CA LEU A 647 7.34 2.73 -20.20
C LEU A 647 8.49 2.41 -19.24
N PRO A 648 9.02 1.17 -19.27
CA PRO A 648 8.64 0.04 -20.12
C PRO A 648 7.25 -0.48 -19.81
N MET A 649 6.70 -1.27 -20.72
CA MET A 649 5.37 -1.81 -20.54
C MET A 649 5.32 -3.24 -21.02
N VAL A 650 4.80 -4.13 -20.18
CA VAL A 650 4.47 -5.48 -20.62
C VAL A 650 2.97 -5.53 -20.90
N PRO A 651 2.59 -5.54 -22.18
CA PRO A 651 1.17 -5.55 -22.55
C PRO A 651 0.47 -6.81 -22.04
N ALA A 652 -0.81 -6.70 -21.71
CA ALA A 652 -1.60 -7.85 -21.29
C ALA A 652 -1.48 -8.98 -22.31
N GLY A 653 -1.31 -10.20 -21.84
CA GLY A 653 -1.17 -11.35 -22.72
C GLY A 653 0.28 -11.68 -23.05
N LYS A 654 1.18 -10.74 -22.81
CA LYS A 654 2.58 -10.94 -23.17
C LYS A 654 3.41 -11.47 -22.00
N ALA A 655 4.47 -12.22 -22.32
CA ALA A 655 5.41 -12.68 -21.31
C ALA A 655 6.15 -11.50 -20.69
N LEU A 656 6.60 -11.68 -19.46
CA LEU A 656 7.33 -10.63 -18.74
C LEU A 656 8.52 -10.06 -19.48
N ASP A 657 9.16 -10.87 -20.34
CA ASP A 657 10.31 -10.40 -21.08
C ASP A 657 9.93 -9.99 -22.50
N ASP A 658 8.64 -9.84 -22.75
CA ASP A 658 8.16 -9.37 -24.05
C ASP A 658 7.56 -7.98 -23.85
N PHE A 659 8.44 -7.02 -23.58
CA PHE A 659 8.05 -5.68 -23.17
C PHE A 659 8.25 -4.64 -24.27
N ILE A 660 7.54 -3.53 -24.15
CA ILE A 660 7.76 -2.36 -24.97
C ILE A 660 8.70 -1.42 -24.26
N LEU A 661 9.79 -1.03 -24.93
CA LEU A 661 10.76 -0.10 -24.38
C LEU A 661 10.52 1.30 -24.93
N TRP A 662 10.98 2.32 -24.20
CA TRP A 662 10.91 3.67 -24.72
C TRP A 662 11.82 3.82 -25.94
N ASP A 663 11.32 4.51 -26.96
CA ASP A 663 12.11 4.86 -28.13
C ASP A 663 11.77 6.28 -28.58
N ALA A 664 12.79 7.11 -28.80
CA ALA A 664 12.58 8.53 -29.09
C ALA A 664 11.79 8.74 -30.36
N GLU A 665 12.17 8.02 -31.42
CA GLU A 665 11.54 8.17 -32.72
C GLU A 665 10.13 7.64 -32.70
N VAL A 666 9.93 6.52 -32.00
CA VAL A 666 8.60 5.96 -31.83
C VAL A 666 7.67 6.96 -31.14
N GLU A 667 8.17 7.63 -30.11
CA GLU A 667 7.35 8.62 -29.40
C GLU A 667 7.00 9.80 -30.33
N LYS A 668 7.98 10.23 -31.13
CA LYS A 668 7.77 11.31 -32.09
C LYS A 668 6.63 10.93 -33.05
N GLN A 669 6.72 9.73 -33.61
CA GLN A 669 5.71 9.24 -34.55
C GLN A 669 4.34 9.14 -33.87
N GLN A 670 4.34 8.68 -32.63
CA GLN A 670 3.10 8.57 -31.86
C GLN A 670 2.50 9.96 -31.63
N ASN A 671 3.34 10.94 -31.34
CA ASN A 671 2.87 12.32 -31.17
C ASN A 671 2.24 12.86 -32.45
N ASP A 672 2.89 12.61 -33.59
CA ASP A 672 2.37 13.05 -34.88
C ASP A 672 1.05 12.38 -35.20
N LEU A 673 0.96 11.08 -34.92
CA LEU A 673 -0.26 10.33 -35.15
C LEU A 673 -1.40 10.85 -34.29
N ARG A 674 -1.11 11.10 -33.02
CA ARG A 674 -2.13 11.63 -32.10
C ARG A 674 -2.63 12.99 -32.58
N LYS A 675 -1.69 13.84 -32.99
CA LYS A 675 -1.99 15.17 -33.47
C LYS A 675 -2.92 15.10 -34.69
N GLU A 676 -2.59 14.22 -35.62
CA GLU A 676 -3.38 14.06 -36.84
C GLU A 676 -4.78 13.54 -36.56
N ARG A 677 -4.87 12.49 -35.75
CA ARG A 677 -6.16 11.86 -35.46
C ARG A 677 -7.09 12.76 -34.67
N THR A 678 -6.53 13.58 -33.79
CA THR A 678 -7.37 14.44 -32.94
C THR A 678 -7.49 15.85 -33.53
N GLY A 679 -7.03 16.02 -34.76
CA GLY A 679 -7.08 17.31 -35.43
C GLY A 679 -6.30 18.39 -34.70
N GLY A 680 -5.24 17.99 -34.01
CA GLY A 680 -4.39 18.93 -33.30
C GLY A 680 -4.87 19.25 -31.88
N LYS A 681 -5.94 18.59 -31.45
CA LYS A 681 -6.49 18.85 -30.12
C LYS A 681 -5.61 18.28 -29.00
N TYR A 682 -4.92 17.18 -29.29
CA TYR A 682 -4.11 16.51 -28.27
C TYR A 682 -2.70 16.19 -28.75
#